data_4QI5
#
_entry.id   4QI5
#
_cell.length_a   171.324
_cell.length_b   171.324
_cell.length_c   73.004
_cell.angle_alpha   90.00
_cell.angle_beta   90.00
_cell.angle_gamma   120.00
#
_symmetry.space_group_name_H-M   'P 63'
#
loop_
_entity.id
_entity.type
_entity.pdbx_description
1 polymer 'Cellobiose dehydrogenase'
2 branched 2-acetamido-2-deoxy-beta-D-glucopyranose-(1-4)-2-acetamido-2-deoxy-beta-D-glucopyranose
3 non-polymer 'FLAVIN-ADENINE DINUCLEOTIDE'
4 non-polymer '(2R,3R,4R,5R)-4,5-dihydroxy-2-(hydroxymethyl)-6-oxopiperidin-3-yl beta-D-glucopyranoside'
5 non-polymer 'CADMIUM ION'
6 water water
#
_entity_poly.entity_id   1
_entity_poly.type   'polypeptide(L)'
_entity_poly.pdbx_seq_one_letter_code
;PVPTGVSFDYIVVGGGAGGIPAADKLSEAGKSVLLIEKGFASTANTGGTLGPEWLEGHDLTRFDVPGLCNQIWVDSKGIA
CEDTDQMAGCVLGGGTAVNAGLWFKPYSLDWDYLFPDGWKYNDVQPAINRALSRIPGTDAPSTDGKRYYQEGFEVLSKGL
AAGGWTSVTANNAPDKKNRTFAHAPFMFAGGERNGPLGTYFQTAKKRNNFDVWLNTSVKRVIREGGHITGVEVEPFRDGG
YEGIVPVTKVTGRVILSAGTFGSAKILLRSGIGPEDQLEVVAASEKDGPTMIGNSSWINLPVGYNLDDHLNTDTVISHPD
VVFYDFYEAWDDPIESDKNSYLESRTGILAQAAPNIGPMFWEEIVGADGIVRQLQWTARVEGSLGAPNGHTMTMSQYLGR
GATSRGRMTITPSLTTIVSDVPYLKDPNDKEAVIQGIINLQNALQNVANLTWLFPNSTITPREYVESMVVSPSNRRSNHW
MGTNKLGTDDGRKGGSAVVDLDTRVYGTDNLFVIDASIFPGVPTTNPTSYIVVAAEHASSRILALPDLEPVPKYGQCGGR
EWTGSFVCADGSTCEYQNEWYSQCL
;
_entity_poly.pdbx_strand_id   A
#
# COMPACT_ATOMS: atom_id res chain seq x y z
N PRO A 1 -7.59 -23.31 15.77
CA PRO A 1 -7.88 -23.62 17.18
C PRO A 1 -7.09 -22.73 18.17
N VAL A 2 -7.64 -21.57 18.53
CA VAL A 2 -6.91 -20.59 19.35
C VAL A 2 -6.72 -21.02 20.80
N PRO A 3 -5.45 -21.08 21.24
CA PRO A 3 -4.93 -21.60 22.52
C PRO A 3 -5.67 -21.11 23.77
N THR A 4 -5.68 -21.94 24.81
CA THR A 4 -6.39 -21.64 26.06
C THR A 4 -6.09 -20.23 26.55
N GLY A 5 -4.88 -20.03 27.03
CA GLY A 5 -4.56 -18.87 27.84
C GLY A 5 -3.75 -17.74 27.26
N VAL A 6 -3.69 -17.59 25.95
CA VAL A 6 -2.79 -16.65 25.33
C VAL A 6 -3.44 -15.32 24.91
N SER A 7 -2.80 -14.20 25.28
CA SER A 7 -3.18 -12.86 24.82
C SER A 7 -1.94 -12.00 24.49
N PHE A 8 -2.14 -10.86 23.84
CA PHE A 8 -1.04 -10.05 23.34
C PHE A 8 -1.24 -8.56 23.60
N ASP A 9 -0.14 -7.85 23.88
CA ASP A 9 -0.18 -6.39 24.08
C ASP A 9 -0.63 -5.70 22.79
N TYR A 10 -0.19 -6.25 21.67
CA TYR A 10 -0.56 -5.75 20.35
C TYR A 10 -0.95 -6.92 19.47
N ILE A 11 -2.03 -6.78 18.71
CA ILE A 11 -2.32 -7.74 17.64
C ILE A 11 -2.31 -6.97 16.33
N VAL A 12 -1.38 -7.29 15.44
CA VAL A 12 -1.30 -6.56 14.16
C VAL A 12 -1.90 -7.40 13.05
N VAL A 13 -2.96 -6.89 12.42
CA VAL A 13 -3.67 -7.67 11.42
C VAL A 13 -3.22 -7.31 10.01
N GLY A 14 -2.52 -8.25 9.40
CA GLY A 14 -2.01 -8.17 8.04
C GLY A 14 -0.53 -7.88 7.97
N GLY A 15 0.10 -8.60 7.06
CA GLY A 15 1.53 -8.72 6.98
C GLY A 15 2.10 -7.92 5.84
N GLY A 16 1.45 -6.82 5.48
CA GLY A 16 1.87 -6.06 4.33
C GLY A 16 2.84 -4.94 4.64
N ALA A 17 2.82 -3.91 3.80
CA ALA A 17 3.75 -2.79 3.89
C ALA A 17 3.56 -1.98 5.19
N GLY A 18 2.32 -1.92 5.67
CA GLY A 18 2.03 -1.28 6.94
C GLY A 18 2.30 -2.18 8.13
N GLY A 19 1.83 -3.42 8.05
CA GLY A 19 1.81 -4.31 9.20
C GLY A 19 3.14 -4.91 9.62
N ILE A 20 3.97 -5.24 8.65
CA ILE A 20 5.25 -5.81 9.01
C ILE A 20 6.14 -4.79 9.78
N PRO A 21 6.38 -3.57 9.23
CA PRO A 21 7.17 -2.62 10.05
C PRO A 21 6.55 -2.25 11.41
N ALA A 22 5.22 -2.08 11.47
CA ALA A 22 4.53 -1.81 12.72
C ALA A 22 4.75 -2.94 13.72
N ALA A 23 4.49 -4.17 13.32
CA ALA A 23 4.72 -5.30 14.20
C ALA A 23 6.18 -5.41 14.62
N ASP A 24 7.10 -4.98 13.75
CA ASP A 24 8.52 -5.07 14.09
C ASP A 24 8.91 -4.04 15.12
N LYS A 25 8.41 -2.82 14.95
CA LYS A 25 8.75 -1.74 15.86
C LYS A 25 8.11 -1.99 17.22
N LEU A 26 6.87 -2.47 17.22
CA LEU A 26 6.15 -2.70 18.47
C LEU A 26 6.73 -3.87 19.26
N SER A 27 7.20 -4.90 18.57
CA SER A 27 7.81 -6.02 19.25
C SER A 27 9.22 -5.66 19.70
N GLU A 28 9.84 -4.67 19.03
CA GLU A 28 11.16 -4.18 19.42
C GLU A 28 11.10 -3.47 20.78
N ALA A 29 9.96 -2.83 21.02
CA ALA A 29 9.64 -2.18 22.28
C ALA A 29 9.51 -3.16 23.45
N GLY A 30 9.55 -4.47 23.16
CA GLY A 30 9.43 -5.45 24.22
C GLY A 30 8.00 -5.88 24.53
N LYS A 31 7.03 -5.22 23.92
CA LYS A 31 5.62 -5.59 24.08
C LYS A 31 5.32 -6.90 23.35
N SER A 32 4.33 -7.64 23.81
CA SER A 32 4.01 -8.89 23.14
C SER A 32 3.15 -8.57 21.92
N VAL A 33 3.58 -9.09 20.77
CA VAL A 33 2.95 -8.83 19.48
C VAL A 33 2.60 -10.09 18.68
N LEU A 34 1.37 -10.15 18.23
CA LEU A 34 0.93 -11.22 17.35
C LEU A 34 0.57 -10.64 16.00
N LEU A 35 1.21 -11.15 14.96
CA LEU A 35 0.92 -10.75 13.59
C LEU A 35 0.07 -11.81 12.90
N ILE A 36 -1.16 -11.48 12.58
CA ILE A 36 -2.05 -12.40 11.90
C ILE A 36 -2.09 -12.08 10.40
N GLU A 37 -1.89 -13.10 9.57
CA GLU A 37 -1.79 -12.92 8.13
C GLU A 37 -2.67 -13.93 7.37
N LYS A 38 -3.40 -13.41 6.41
CA LYS A 38 -4.31 -14.19 5.58
C LYS A 38 -3.54 -15.29 4.85
N GLY A 39 -2.51 -14.89 4.11
CA GLY A 39 -1.76 -15.78 3.24
C GLY A 39 -0.62 -16.57 3.87
N PHE A 40 0.25 -17.10 3.01
CA PHE A 40 1.29 -18.01 3.44
C PHE A 40 2.68 -17.42 3.25
N ALA A 41 3.69 -18.16 3.68
CA ALA A 41 5.08 -17.74 3.57
C ALA A 41 5.43 -17.48 2.11
N SER A 42 6.24 -16.45 1.84
CA SER A 42 6.42 -15.99 0.46
C SER A 42 7.86 -16.03 0.01
N THR A 43 8.68 -15.09 0.47
CA THR A 43 10.11 -15.12 0.15
C THR A 43 10.74 -16.23 0.96
N ALA A 44 11.87 -16.73 0.48
CA ALA A 44 12.52 -17.86 1.11
C ALA A 44 12.92 -17.57 2.54
N ASN A 45 13.15 -16.29 2.86
CA ASN A 45 13.65 -15.95 4.19
C ASN A 45 12.54 -15.94 5.21
N THR A 46 11.29 -16.05 4.73
CA THR A 46 10.14 -16.33 5.58
C THR A 46 9.75 -17.81 5.52
N GLY A 47 10.55 -18.60 4.81
CA GLY A 47 10.28 -20.01 4.66
C GLY A 47 9.33 -20.37 3.51
N GLY A 48 9.10 -19.43 2.61
CA GLY A 48 8.27 -19.70 1.45
C GLY A 48 8.98 -20.68 0.53
N THR A 49 8.25 -21.64 -0.02
CA THR A 49 8.81 -22.55 -1.03
C THR A 49 8.39 -22.38 -2.50
N LEU A 50 7.46 -21.47 -2.78
CA LEU A 50 6.76 -21.46 -4.06
C LEU A 50 7.56 -20.82 -5.21
N GLY A 51 7.66 -21.53 -6.34
CA GLY A 51 8.37 -20.99 -7.50
C GLY A 51 8.65 -21.97 -8.64
N PRO A 52 9.23 -21.48 -9.75
CA PRO A 52 9.59 -22.28 -10.93
C PRO A 52 10.69 -23.28 -10.63
N GLU A 53 10.89 -24.26 -11.49
CA GLU A 53 11.81 -25.34 -11.16
C GLU A 53 13.28 -24.93 -11.23
N TRP A 54 13.64 -23.96 -12.06
CA TRP A 54 15.05 -23.60 -12.14
C TRP A 54 15.56 -22.92 -10.86
N LEU A 55 14.66 -22.56 -9.97
CA LEU A 55 15.03 -22.04 -8.66
C LEU A 55 15.31 -23.13 -7.63
N GLU A 56 14.85 -24.34 -7.92
CA GLU A 56 14.89 -25.44 -6.95
C GLU A 56 16.29 -25.69 -6.39
N GLY A 57 16.38 -25.74 -5.06
CA GLY A 57 17.62 -26.00 -4.37
C GLY A 57 18.51 -24.80 -4.19
N HIS A 58 18.13 -23.67 -4.76
CA HIS A 58 18.96 -22.48 -4.74
C HIS A 58 18.58 -21.45 -3.65
N ASP A 59 17.64 -21.83 -2.77
CA ASP A 59 17.19 -20.97 -1.66
C ASP A 59 16.43 -19.72 -2.14
N LEU A 60 15.66 -19.89 -3.21
CA LEU A 60 14.91 -18.81 -3.84
C LEU A 60 13.46 -19.20 -4.13
N THR A 61 12.58 -18.20 -4.13
CA THR A 61 11.20 -18.38 -4.53
C THR A 61 10.85 -17.35 -5.59
N ARG A 62 9.62 -17.42 -6.08
CA ARG A 62 9.18 -16.53 -7.14
C ARG A 62 9.09 -15.10 -6.61
N PHE A 63 8.97 -14.97 -5.29
CA PHE A 63 8.87 -13.67 -4.64
C PHE A 63 10.23 -13.02 -4.39
N ASP A 64 11.29 -13.82 -4.40
CA ASP A 64 12.64 -13.29 -4.22
C ASP A 64 13.26 -12.69 -5.47
N VAL A 65 12.92 -13.23 -6.65
CA VAL A 65 13.63 -12.86 -7.87
C VAL A 65 13.01 -11.66 -8.61
N PRO A 66 13.74 -10.53 -8.69
CA PRO A 66 13.19 -9.32 -9.32
C PRO A 66 12.64 -9.53 -10.73
N GLY A 67 13.39 -10.24 -11.58
CA GLY A 67 12.97 -10.46 -12.96
C GLY A 67 11.72 -11.33 -13.11
N LEU A 68 11.27 -11.98 -12.03
CA LEU A 68 10.05 -12.79 -12.07
C LEU A 68 8.82 -12.03 -11.57
N CYS A 69 8.97 -10.75 -11.23
CA CYS A 69 7.90 -10.05 -10.53
C CYS A 69 6.64 -9.89 -11.40
N ASN A 70 6.76 -9.97 -12.72
CA ASN A 70 5.58 -9.79 -13.56
C ASN A 70 4.72 -11.03 -13.73
N GLN A 71 5.17 -12.17 -13.19
CA GLN A 71 4.37 -13.39 -13.18
C GLN A 71 2.99 -13.19 -12.58
N ILE A 72 2.94 -12.36 -11.55
CA ILE A 72 1.70 -12.06 -10.87
C ILE A 72 0.60 -11.62 -11.85
N TRP A 73 0.98 -11.04 -12.99
CA TRP A 73 -0.01 -10.62 -13.98
C TRP A 73 -0.56 -11.75 -14.87
N VAL A 74 0.23 -12.79 -15.11
CA VAL A 74 -0.32 -13.98 -15.74
C VAL A 74 -0.57 -15.19 -14.84
N ASP A 75 0.03 -15.20 -13.65
CA ASP A 75 -0.23 -16.29 -12.74
C ASP A 75 -0.40 -15.75 -11.30
N SER A 76 -1.64 -15.48 -10.91
CA SER A 76 -1.92 -14.96 -9.55
C SER A 76 -2.68 -15.90 -8.60
N LYS A 77 -3.09 -17.07 -9.07
CA LYS A 77 -4.06 -17.85 -8.30
C LYS A 77 -3.50 -18.31 -6.95
N GLY A 78 -4.32 -18.11 -5.91
CA GLY A 78 -3.94 -18.40 -4.54
C GLY A 78 -2.98 -17.40 -3.92
N ILE A 79 -2.54 -16.44 -4.72
CA ILE A 79 -1.65 -15.36 -4.29
C ILE A 79 -2.40 -14.03 -4.17
N ALA A 80 -3.03 -13.58 -5.26
CA ALA A 80 -3.91 -12.42 -5.24
C ALA A 80 -5.14 -12.61 -4.32
N CYS A 81 -5.59 -11.52 -3.70
CA CYS A 81 -6.73 -11.54 -2.79
C CYS A 81 -8.02 -11.72 -3.61
N GLU A 82 -8.94 -12.56 -3.14
CA GLU A 82 -10.20 -12.74 -3.88
C GLU A 82 -11.43 -11.99 -3.34
N ASP A 83 -11.32 -11.32 -2.20
CA ASP A 83 -12.46 -10.57 -1.65
C ASP A 83 -12.50 -9.11 -2.13
N THR A 84 -11.69 -8.80 -3.14
CA THR A 84 -11.68 -7.46 -3.74
C THR A 84 -11.77 -7.51 -5.27
N ASP A 85 -12.23 -6.43 -5.89
CA ASP A 85 -12.31 -6.36 -7.36
C ASP A 85 -11.03 -5.80 -7.98
N GLN A 86 -10.03 -5.54 -7.15
CA GLN A 86 -8.77 -4.98 -7.65
C GLN A 86 -7.60 -5.92 -7.40
N MET A 87 -6.40 -5.51 -7.76
CA MET A 87 -5.25 -6.38 -7.59
C MET A 87 -4.57 -6.12 -6.23
N ALA A 88 -4.50 -7.15 -5.38
CA ALA A 88 -3.81 -7.06 -4.09
C ALA A 88 -3.09 -8.39 -3.76
N GLY A 89 -1.89 -8.31 -3.21
CA GLY A 89 -1.24 -9.48 -2.66
C GLY A 89 -1.80 -9.98 -1.33
N CYS A 90 -2.32 -11.20 -1.35
CA CYS A 90 -2.78 -11.88 -0.14
C CYS A 90 -1.78 -12.91 0.38
N VAL A 91 -0.50 -12.82 0.01
CA VAL A 91 0.49 -13.58 0.77
C VAL A 91 1.23 -12.74 1.81
N LEU A 92 2.09 -13.40 2.59
CA LEU A 92 2.88 -12.71 3.60
C LEU A 92 3.75 -11.71 2.88
N GLY A 93 3.74 -10.48 3.38
CA GLY A 93 4.46 -9.40 2.72
C GLY A 93 3.48 -8.49 2.02
N GLY A 94 2.26 -9.01 1.81
CA GLY A 94 1.23 -8.29 1.10
C GLY A 94 1.70 -7.81 -0.25
N GLY A 95 1.41 -6.55 -0.55
CA GLY A 95 1.81 -5.96 -1.80
C GLY A 95 3.31 -5.93 -2.00
N THR A 96 4.07 -5.85 -0.92
CA THR A 96 5.52 -5.84 -1.04
C THR A 96 6.10 -7.19 -1.45
N ALA A 97 5.31 -8.25 -1.33
CA ALA A 97 5.74 -9.58 -1.74
C ALA A 97 5.69 -9.70 -3.25
N VAL A 98 4.63 -9.12 -3.83
CA VAL A 98 4.40 -9.13 -5.27
C VAL A 98 4.63 -7.86 -6.09
N ASN A 99 4.92 -6.72 -5.49
CA ASN A 99 5.02 -5.49 -6.31
C ASN A 99 6.32 -5.45 -7.09
N ALA A 100 6.56 -4.35 -7.81
CA ALA A 100 7.76 -4.21 -8.62
C ALA A 100 8.96 -3.80 -7.76
N GLY A 101 8.69 -3.41 -6.52
CA GLY A 101 9.76 -3.08 -5.57
C GLY A 101 10.34 -1.66 -5.66
N LEU A 102 9.71 -0.78 -6.45
CA LEU A 102 10.17 0.60 -6.54
C LEU A 102 10.07 1.23 -5.15
N TRP A 103 11.12 1.93 -4.76
CA TRP A 103 11.26 2.40 -3.40
C TRP A 103 11.80 3.84 -3.39
N PHE A 104 11.03 4.79 -2.86
CA PHE A 104 11.43 6.18 -2.91
C PHE A 104 11.50 6.88 -1.56
N LYS A 105 12.61 7.57 -1.30
CA LYS A 105 12.69 8.47 -0.17
C LYS A 105 11.67 9.58 -0.38
N PRO A 106 10.81 9.84 0.61
CA PRO A 106 9.70 10.76 0.38
C PRO A 106 10.08 12.18 -0.05
N TYR A 107 9.20 12.75 -0.87
CA TYR A 107 9.22 14.15 -1.19
C TYR A 107 8.53 14.88 -0.03
N SER A 108 9.25 15.80 0.61
CA SER A 108 8.73 16.53 1.78
C SER A 108 7.36 17.16 1.56
N LEU A 109 7.13 17.67 0.35
CA LEU A 109 5.87 18.34 0.04
C LEU A 109 4.68 17.41 0.23
N ASP A 110 4.88 16.10 -0.01
CA ASP A 110 3.79 15.14 0.05
C ASP A 110 3.19 15.11 1.44
N TRP A 111 4.03 15.04 2.46
CA TRP A 111 3.56 15.07 3.84
C TRP A 111 3.01 16.47 4.20
N ASP A 112 3.71 17.53 3.81
CA ASP A 112 3.26 18.90 4.12
C ASP A 112 1.90 19.17 3.48
N TYR A 113 1.69 18.70 2.25
CA TYR A 113 0.46 18.99 1.52
C TYR A 113 -0.74 18.12 1.94
N LEU A 114 -0.52 16.81 2.05
CA LEU A 114 -1.57 15.83 2.31
C LEU A 114 -2.01 15.67 3.77
N PHE A 115 -1.10 15.93 4.71
CA PHE A 115 -1.31 15.50 6.09
C PHE A 115 -1.48 16.66 7.06
N PRO A 116 -2.24 16.45 8.14
CA PRO A 116 -2.37 17.53 9.11
C PRO A 116 -1.11 17.61 9.96
N ASP A 117 -1.08 18.58 10.87
CA ASP A 117 0.05 18.73 11.74
C ASP A 117 0.22 17.52 12.64
N GLY A 118 1.47 17.14 12.85
CA GLY A 118 1.82 15.96 13.61
C GLY A 118 2.17 14.87 12.63
N TRP A 119 1.62 14.98 11.43
CA TRP A 119 2.07 14.17 10.29
C TRP A 119 2.80 14.90 9.15
N LYS A 120 3.09 16.20 9.31
CA LYS A 120 3.77 16.90 8.22
C LYS A 120 5.21 16.46 8.12
N TYR A 121 5.96 17.05 7.21
CA TYR A 121 7.31 16.56 6.95
C TYR A 121 8.22 16.66 8.18
N ASN A 122 8.20 17.78 8.88
CA ASN A 122 9.01 17.90 10.08
C ASN A 122 8.68 16.79 11.08
N ASP A 123 7.42 16.36 11.10
CA ASP A 123 6.98 15.35 12.06
C ASP A 123 7.43 13.93 11.72
N VAL A 124 7.41 13.57 10.43
CA VAL A 124 7.71 12.19 10.01
C VAL A 124 9.17 11.99 9.58
N GLN A 125 9.95 13.06 9.56
CA GLN A 125 11.32 12.97 9.08
C GLN A 125 12.18 11.99 9.90
N PRO A 126 11.97 11.92 11.23
CA PRO A 126 12.70 10.85 11.89
C PRO A 126 12.32 9.46 11.37
N ALA A 127 11.01 9.26 11.12
CA ALA A 127 10.46 8.03 10.57
C ALA A 127 11.01 7.74 9.17
N ILE A 128 11.11 8.78 8.35
CA ILE A 128 11.76 8.66 7.04
C ILE A 128 13.21 8.18 7.19
N ASN A 129 13.90 8.66 8.22
CA ASN A 129 15.30 8.28 8.41
C ASN A 129 15.43 6.86 8.90
N ARG A 130 14.49 6.43 9.73
CA ARG A 130 14.47 5.02 10.14
C ARG A 130 14.16 4.07 8.98
N ALA A 131 13.18 4.41 8.17
CA ALA A 131 12.77 3.49 7.10
C ALA A 131 13.89 3.35 6.09
N LEU A 132 14.59 4.45 5.80
CA LEU A 132 15.62 4.43 4.79
C LEU A 132 16.97 3.94 5.28
N SER A 133 17.10 3.83 6.60
CA SER A 133 18.20 3.11 7.20
C SER A 133 17.94 1.60 7.06
N ARG A 134 16.71 1.17 7.38
CA ARG A 134 16.33 -0.23 7.25
C ARG A 134 16.41 -0.67 5.80
N ILE A 135 15.84 0.15 4.92
CA ILE A 135 15.85 -0.10 3.48
C ILE A 135 16.36 1.13 2.71
N PRO A 136 17.69 1.19 2.46
CA PRO A 136 18.17 2.18 1.50
C PRO A 136 17.74 1.69 0.13
N GLY A 137 17.62 2.57 -0.83
CA GLY A 137 17.31 2.04 -2.15
C GLY A 137 18.50 1.34 -2.76
N THR A 138 18.32 0.83 -3.97
CA THR A 138 19.40 0.77 -4.93
C THR A 138 18.78 0.99 -6.30
N ASP A 139 19.42 1.82 -7.12
CA ASP A 139 18.98 2.00 -8.51
C ASP A 139 19.86 1.15 -9.43
N ALA A 140 20.70 0.31 -8.83
CA ALA A 140 21.48 -0.68 -9.56
C ALA A 140 21.45 -2.04 -8.83
N PRO A 141 20.28 -2.70 -8.80
CA PRO A 141 20.07 -3.89 -7.96
C PRO A 141 20.99 -5.06 -8.28
N SER A 142 21.52 -5.13 -9.49
CA SER A 142 22.53 -6.13 -9.83
C SER A 142 23.72 -5.97 -8.87
N THR A 143 24.11 -7.04 -8.17
CA THR A 143 25.06 -6.89 -7.06
C THR A 143 26.45 -6.44 -7.50
N ASP A 144 26.69 -6.37 -8.81
CA ASP A 144 27.96 -5.82 -9.28
C ASP A 144 27.87 -4.31 -9.56
N GLY A 145 26.70 -3.73 -9.31
CA GLY A 145 26.49 -2.30 -9.53
C GLY A 145 26.38 -1.90 -10.99
N LYS A 146 26.47 -2.89 -11.88
CA LYS A 146 26.18 -2.68 -13.29
C LYS A 146 24.67 -2.72 -13.51
N ARG A 147 24.22 -2.11 -14.60
CA ARG A 147 22.84 -2.20 -15.01
C ARG A 147 22.75 -2.80 -16.40
N TYR A 148 21.69 -3.55 -16.67
CA TYR A 148 21.62 -4.34 -17.88
C TYR A 148 20.46 -3.92 -18.77
N TYR A 149 20.65 -4.16 -20.07
CA TYR A 149 19.71 -3.79 -21.13
C TYR A 149 19.25 -2.34 -20.97
N GLN A 150 20.23 -1.45 -20.89
CA GLN A 150 19.96 -0.05 -20.64
C GLN A 150 19.75 0.73 -21.92
N GLU A 151 19.73 0.03 -23.05
CA GLU A 151 19.63 0.68 -24.36
C GLU A 151 18.46 1.66 -24.38
N GLY A 152 17.29 1.17 -23.99
CA GLY A 152 16.07 1.97 -23.93
C GLY A 152 16.19 3.16 -22.99
N PHE A 153 16.74 2.92 -21.80
CA PHE A 153 16.95 3.99 -20.83
C PHE A 153 17.78 5.11 -21.41
N GLU A 154 18.93 4.73 -21.98
CA GLU A 154 19.83 5.72 -22.55
C GLU A 154 19.12 6.46 -23.67
N VAL A 155 18.22 5.77 -24.37
CA VAL A 155 17.44 6.48 -25.38
C VAL A 155 16.68 7.61 -24.73
N LEU A 156 15.72 7.28 -23.86
CA LEU A 156 14.86 8.30 -23.24
C LEU A 156 15.62 9.28 -22.37
N SER A 157 16.59 8.81 -21.58
CA SER A 157 17.32 9.70 -20.68
C SER A 157 18.09 10.79 -21.43
N LYS A 158 18.74 10.41 -22.54
CA LYS A 158 19.40 11.39 -23.41
C LYS A 158 18.38 12.34 -24.04
N GLY A 159 17.23 11.80 -24.41
CA GLY A 159 16.16 12.62 -24.95
C GLY A 159 15.72 13.68 -23.95
N LEU A 160 15.51 13.25 -22.71
CA LEU A 160 15.01 14.12 -21.65
C LEU A 160 15.98 15.24 -21.31
N ALA A 161 17.26 14.90 -21.20
CA ALA A 161 18.30 15.88 -20.91
C ALA A 161 18.32 16.99 -21.96
N ALA A 162 18.20 16.62 -23.23
CA ALA A 162 18.16 17.59 -24.32
C ALA A 162 16.90 18.44 -24.24
N GLY A 163 15.85 17.89 -23.66
CA GLY A 163 14.58 18.60 -23.55
C GLY A 163 14.56 19.49 -22.33
N GLY A 164 15.67 19.56 -21.62
CA GLY A 164 15.79 20.46 -20.49
C GLY A 164 15.52 19.85 -19.13
N TRP A 165 15.39 18.53 -19.08
CA TRP A 165 15.15 17.83 -17.82
C TRP A 165 16.46 17.41 -17.16
N THR A 166 16.50 17.42 -15.82
CA THR A 166 17.73 17.17 -15.09
C THR A 166 17.88 15.76 -14.48
N SER A 167 19.03 15.13 -14.73
CA SER A 167 19.34 13.85 -14.11
C SER A 167 19.55 14.01 -12.60
N VAL A 168 18.88 13.17 -11.82
CA VAL A 168 19.20 13.06 -10.40
C VAL A 168 19.29 11.61 -9.99
N THR A 169 19.91 11.37 -8.84
CA THR A 169 19.83 10.10 -8.17
C THR A 169 18.65 10.30 -7.22
N ALA A 170 17.53 9.66 -7.53
CA ALA A 170 16.26 10.11 -7.00
C ALA A 170 16.23 10.18 -5.47
N ASN A 171 16.82 9.18 -4.82
CA ASN A 171 16.75 9.06 -3.37
C ASN A 171 17.83 9.82 -2.61
N ASN A 172 18.82 10.35 -3.34
CA ASN A 172 19.73 11.36 -2.83
C ASN A 172 19.14 12.76 -2.95
N ALA A 173 18.27 12.97 -3.93
CA ALA A 173 17.56 14.25 -4.03
C ALA A 173 16.04 14.05 -4.00
N PRO A 174 15.52 13.58 -2.85
CA PRO A 174 14.09 13.28 -2.73
C PRO A 174 13.19 14.45 -3.10
N ASP A 175 13.58 15.68 -2.75
CA ASP A 175 12.70 16.82 -3.02
C ASP A 175 12.79 17.36 -4.43
N LYS A 176 13.62 16.78 -5.31
CA LYS A 176 13.65 17.34 -6.66
C LYS A 176 12.79 16.48 -7.57
N LYS A 177 11.52 16.88 -7.61
CA LYS A 177 10.46 16.17 -8.31
C LYS A 177 9.89 16.93 -9.51
N ASN A 178 10.54 18.01 -9.91
CA ASN A 178 10.06 18.77 -11.05
C ASN A 178 11.09 18.86 -12.17
N ARG A 179 10.72 18.34 -13.33
CA ARG A 179 11.59 18.34 -14.51
C ARG A 179 12.89 17.60 -14.18
N THR A 180 12.70 16.38 -13.71
CA THR A 180 13.75 15.54 -13.17
C THR A 180 13.56 14.13 -13.72
N PHE A 181 14.65 13.41 -13.99
CA PHE A 181 14.58 11.99 -14.37
C PHE A 181 15.68 11.24 -13.67
N ALA A 182 15.47 9.94 -13.46
CA ALA A 182 16.46 9.15 -12.72
C ALA A 182 16.40 7.66 -13.00
N HIS A 183 17.51 6.96 -12.74
CA HIS A 183 17.45 5.51 -12.64
C HIS A 183 16.44 5.14 -11.56
N ALA A 184 15.62 4.14 -11.86
CA ALA A 184 14.61 3.65 -10.93
C ALA A 184 15.25 2.97 -9.73
N PRO A 185 14.96 3.49 -8.51
CA PRO A 185 15.36 2.90 -7.22
C PRO A 185 14.45 1.75 -6.75
N PHE A 186 15.04 0.72 -6.13
CA PHE A 186 14.29 -0.43 -5.68
C PHE A 186 14.70 -0.78 -4.25
N MET A 187 13.82 -1.47 -3.52
CA MET A 187 14.05 -1.88 -2.13
C MET A 187 14.91 -3.15 -2.06
N PHE A 188 15.40 -3.58 -3.23
CA PHE A 188 16.16 -4.80 -3.36
C PHE A 188 17.48 -4.75 -2.57
N ALA A 189 17.94 -5.92 -2.14
CA ALA A 189 19.26 -6.06 -1.53
C ALA A 189 19.81 -7.43 -1.88
N GLY A 190 21.11 -7.49 -2.16
CA GLY A 190 21.74 -8.75 -2.50
C GLY A 190 21.15 -9.39 -3.74
N GLY A 191 20.59 -8.53 -4.60
CA GLY A 191 20.00 -8.94 -5.86
C GLY A 191 18.62 -9.55 -5.73
N GLU A 192 18.09 -9.52 -4.51
CA GLU A 192 16.83 -10.18 -4.18
C GLU A 192 15.82 -9.15 -3.71
N ARG A 193 14.53 -9.52 -3.77
CA ARG A 193 13.42 -8.61 -3.43
C ARG A 193 13.64 -7.85 -2.13
N ASN A 194 14.09 -8.55 -1.07
CA ASN A 194 14.39 -7.92 0.22
C ASN A 194 13.13 -7.21 0.74
N GLY A 195 13.18 -5.88 0.84
CA GLY A 195 12.06 -5.11 1.37
C GLY A 195 11.79 -5.34 2.85
N PRO A 196 10.60 -4.93 3.30
CA PRO A 196 10.10 -5.23 4.66
C PRO A 196 10.19 -6.72 5.05
N LEU A 197 10.03 -7.61 4.08
CA LEU A 197 10.14 -9.05 4.35
C LEU A 197 11.60 -9.37 4.65
N GLY A 198 12.49 -8.55 4.11
CA GLY A 198 13.90 -8.82 4.24
C GLY A 198 14.54 -8.12 5.41
N THR A 199 13.83 -7.19 6.02
CA THR A 199 14.42 -6.35 7.05
C THR A 199 13.61 -6.39 8.34
N TYR A 200 12.51 -5.64 8.33
CA TYR A 200 11.58 -5.56 9.46
C TYR A 200 11.15 -6.93 9.94
N PHE A 201 10.65 -7.75 9.01
CA PHE A 201 10.16 -9.06 9.40
C PHE A 201 11.27 -9.95 9.96
N GLN A 202 12.45 -9.86 9.37
CA GLN A 202 13.59 -10.66 9.82
C GLN A 202 14.05 -10.30 11.25
N THR A 203 14.00 -9.03 11.64
CA THR A 203 14.41 -8.68 13.00
C THR A 203 13.32 -9.09 13.95
N ALA A 204 12.08 -9.08 13.44
CA ALA A 204 10.94 -9.33 14.29
C ALA A 204 10.90 -10.80 14.65
N LYS A 205 11.07 -11.63 13.62
CA LYS A 205 10.87 -13.06 13.75
C LYS A 205 11.88 -13.70 14.72
N LYS A 206 12.95 -12.99 15.03
CA LYS A 206 13.94 -13.49 15.99
C LYS A 206 13.51 -13.30 17.45
N ARG A 207 12.52 -12.43 17.69
CA ARG A 207 12.09 -12.10 19.06
C ARG A 207 11.08 -13.11 19.60
N ASN A 208 11.27 -13.54 20.85
CA ASN A 208 10.36 -14.50 21.44
C ASN A 208 9.03 -13.84 21.84
N ASN A 209 9.03 -12.51 21.90
CA ASN A 209 7.81 -11.74 22.20
C ASN A 209 7.06 -11.42 20.90
N PHE A 210 7.53 -12.03 19.82
CA PHE A 210 6.84 -11.92 18.54
C PHE A 210 6.31 -13.25 18.02
N ASP A 211 5.05 -13.26 17.59
CA ASP A 211 4.43 -14.43 16.99
C ASP A 211 3.71 -14.11 15.69
N VAL A 212 3.83 -15.00 14.69
CA VAL A 212 3.09 -14.91 13.43
C VAL A 212 2.13 -16.06 13.25
N TRP A 213 0.89 -15.75 12.88
CA TRP A 213 -0.06 -16.78 12.47
C TRP A 213 -0.37 -16.62 11.01
N LEU A 214 0.17 -17.50 10.17
CA LEU A 214 -0.13 -17.43 8.75
C LEU A 214 -1.45 -18.12 8.49
N ASN A 215 -1.89 -18.07 7.24
CA ASN A 215 -3.08 -18.80 6.79
C ASN A 215 -4.34 -18.51 7.61
N THR A 216 -4.37 -17.33 8.23
CA THR A 216 -5.41 -16.97 9.18
C THR A 216 -6.01 -15.62 8.85
N SER A 217 -7.29 -15.62 8.62
CA SER A 217 -8.01 -14.43 8.24
C SER A 217 -8.75 -13.86 9.43
N VAL A 218 -8.69 -12.55 9.59
CA VAL A 218 -9.44 -11.87 10.62
C VAL A 218 -10.77 -11.51 10.03
N LYS A 219 -11.81 -12.08 10.62
CA LYS A 219 -13.16 -11.72 10.31
C LYS A 219 -13.60 -10.37 10.82
N ARG A 220 -13.26 -10.08 12.04
CA ARG A 220 -13.62 -8.78 12.62
C ARG A 220 -12.94 -8.60 13.97
N VAL A 221 -13.12 -7.43 14.58
CA VAL A 221 -12.73 -7.23 15.98
C VAL A 221 -13.96 -7.46 16.87
N ILE A 222 -13.73 -8.01 18.05
CA ILE A 222 -14.76 -8.21 19.03
C ILE A 222 -14.66 -7.09 20.04
N ARG A 223 -15.78 -6.43 20.33
CA ARG A 223 -15.71 -5.28 21.20
C ARG A 223 -16.94 -5.15 22.08
N GLU A 224 -16.73 -4.60 23.27
CA GLU A 224 -17.80 -4.11 24.12
C GLU A 224 -17.81 -2.60 23.96
N GLY A 225 -18.84 -2.06 23.31
CA GLY A 225 -18.85 -0.65 22.97
C GLY A 225 -17.60 -0.28 22.21
N GLY A 226 -16.84 0.69 22.73
CA GLY A 226 -15.67 1.20 22.04
C GLY A 226 -14.37 0.57 22.48
N HIS A 227 -14.43 -0.53 23.23
CA HIS A 227 -13.21 -1.18 23.67
C HIS A 227 -13.07 -2.57 23.04
N ILE A 228 -12.01 -2.74 22.24
CA ILE A 228 -11.81 -3.99 21.54
C ILE A 228 -11.18 -5.01 22.48
N THR A 229 -11.88 -6.12 22.72
CA THR A 229 -11.35 -7.16 23.61
C THR A 229 -10.48 -8.24 22.91
N GLY A 230 -10.68 -8.42 21.61
CA GLY A 230 -10.02 -9.49 20.88
C GLY A 230 -10.27 -9.40 19.39
N VAL A 231 -9.72 -10.33 18.62
CA VAL A 231 -10.02 -10.36 17.20
C VAL A 231 -10.45 -11.76 16.81
N GLU A 232 -11.41 -11.85 15.90
CA GLU A 232 -12.04 -13.11 15.57
C GLU A 232 -11.43 -13.64 14.29
N VAL A 233 -10.89 -14.85 14.36
CA VAL A 233 -10.18 -15.45 13.25
C VAL A 233 -10.76 -16.79 12.76
N GLU A 234 -10.58 -17.05 11.47
CA GLU A 234 -10.94 -18.32 10.88
C GLU A 234 -9.78 -18.73 9.97
N PRO A 235 -9.60 -20.04 9.77
CA PRO A 235 -8.54 -20.44 8.82
C PRO A 235 -8.88 -20.05 7.38
N PHE A 236 -7.91 -19.39 6.71
CA PHE A 236 -7.96 -19.14 5.27
C PHE A 236 -7.40 -20.32 4.49
N ARG A 237 -6.37 -20.96 5.07
CA ARG A 237 -5.85 -22.25 4.60
C ARG A 237 -5.61 -23.14 5.82
N ASP A 238 -5.36 -24.44 5.60
CA ASP A 238 -5.08 -25.37 6.70
C ASP A 238 -3.93 -24.85 7.54
N GLY A 239 -4.10 -24.92 8.86
CA GLY A 239 -3.05 -24.52 9.76
C GLY A 239 -3.22 -23.08 10.21
N GLY A 240 -4.24 -22.43 9.68
CA GLY A 240 -4.67 -21.15 10.22
C GLY A 240 -5.41 -21.42 11.51
N TYR A 241 -5.69 -20.37 12.27
CA TYR A 241 -6.41 -20.50 13.54
C TYR A 241 -7.90 -20.15 13.45
N GLU A 242 -8.70 -20.88 14.21
CA GLU A 242 -10.13 -20.67 14.28
C GLU A 242 -10.35 -20.25 15.71
N GLY A 243 -11.00 -19.11 15.92
CA GLY A 243 -11.30 -18.66 17.26
C GLY A 243 -11.33 -17.15 17.50
N ILE A 244 -11.28 -16.79 18.78
CA ILE A 244 -11.16 -15.39 19.15
C ILE A 244 -9.96 -15.21 20.02
N VAL A 245 -8.95 -14.49 19.53
CA VAL A 245 -7.75 -14.27 20.32
C VAL A 245 -7.82 -12.90 21.00
N PRO A 246 -7.67 -12.89 22.33
CA PRO A 246 -7.75 -11.66 23.12
C PRO A 246 -6.47 -10.84 23.12
N VAL A 247 -6.63 -9.57 23.42
CA VAL A 247 -5.53 -8.67 23.70
C VAL A 247 -5.46 -8.51 25.19
N THR A 248 -4.26 -8.15 25.66
CA THR A 248 -4.00 -7.95 27.07
C THR A 248 -5.13 -7.14 27.69
N LYS A 249 -5.57 -7.53 28.86
CA LYS A 249 -6.71 -6.89 29.46
C LYS A 249 -6.48 -5.41 29.62
N VAL A 250 -7.46 -4.64 29.20
CA VAL A 250 -7.45 -3.20 29.37
C VAL A 250 -6.42 -2.51 28.51
N THR A 251 -5.21 -2.98 28.63
CA THR A 251 -4.04 -2.35 28.11
C THR A 251 -3.70 -2.65 26.67
N GLY A 252 -4.32 -3.68 26.13
CA GLY A 252 -4.00 -4.24 24.84
C GLY A 252 -4.64 -3.52 23.68
N ARG A 253 -3.97 -3.60 22.54
CA ARG A 253 -4.35 -2.85 21.36
C ARG A 253 -4.35 -3.71 20.11
N VAL A 254 -5.20 -3.34 19.17
CA VAL A 254 -5.24 -3.99 17.87
C VAL A 254 -4.84 -2.98 16.83
N ILE A 255 -4.05 -3.43 15.86
CA ILE A 255 -3.73 -2.60 14.72
C ILE A 255 -4.21 -3.25 13.42
N LEU A 256 -5.02 -2.52 12.64
CA LEU A 256 -5.45 -3.02 11.36
C LEU A 256 -4.48 -2.54 10.27
N SER A 257 -3.73 -3.50 9.75
CA SER A 257 -2.83 -3.37 8.63
C SER A 257 -3.27 -4.10 7.35
N ALA A 258 -4.56 -4.43 7.25
CA ALA A 258 -5.04 -5.33 6.19
C ALA A 258 -5.19 -4.67 4.81
N GLY A 259 -4.80 -3.40 4.68
CA GLY A 259 -4.83 -2.77 3.38
C GLY A 259 -6.04 -1.88 3.19
N THR A 260 -5.99 -1.06 2.15
CA THR A 260 -7.03 -0.08 1.91
C THR A 260 -8.40 -0.74 1.81
N PHE A 261 -8.47 -1.88 1.13
CA PHE A 261 -9.73 -2.63 1.07
C PHE A 261 -9.95 -3.58 2.27
N GLY A 262 -8.90 -4.27 2.70
CA GLY A 262 -9.03 -5.24 3.77
C GLY A 262 -9.29 -4.66 5.17
N SER A 263 -8.63 -3.55 5.49
CA SER A 263 -8.86 -2.93 6.79
C SER A 263 -10.27 -2.31 6.85
N ALA A 264 -10.71 -1.74 5.73
CA ALA A 264 -12.04 -1.15 5.64
C ALA A 264 -13.08 -2.23 5.84
N LYS A 265 -12.83 -3.41 5.27
CA LYS A 265 -13.76 -4.54 5.36
C LYS A 265 -13.93 -4.97 6.81
N ILE A 266 -12.81 -5.18 7.49
CA ILE A 266 -12.79 -5.52 8.91
C ILE A 266 -13.56 -4.52 9.77
N LEU A 267 -13.33 -3.22 9.53
CA LEU A 267 -14.08 -2.17 10.26
C LEU A 267 -15.60 -2.30 10.05
N LEU A 268 -16.00 -2.48 8.81
CA LEU A 268 -17.41 -2.66 8.47
C LEU A 268 -18.00 -3.90 9.13
N ARG A 269 -17.26 -5.02 9.10
CA ARG A 269 -17.71 -6.25 9.76
C ARG A 269 -17.76 -6.06 11.27
N SER A 270 -17.06 -5.04 11.76
CA SER A 270 -17.00 -4.71 13.17
C SER A 270 -18.03 -3.65 13.57
N GLY A 271 -18.91 -3.27 12.64
CA GLY A 271 -19.92 -2.27 12.93
C GLY A 271 -19.31 -0.88 13.01
N ILE A 272 -18.35 -0.63 12.14
CA ILE A 272 -17.70 0.68 12.02
C ILE A 272 -17.63 1.08 10.56
N GLY A 273 -18.30 2.16 10.22
CA GLY A 273 -18.39 2.62 8.85
C GLY A 273 -19.72 3.33 8.65
N PRO A 274 -20.04 3.70 7.39
CA PRO A 274 -21.30 4.39 7.09
C PRO A 274 -22.50 3.49 7.36
N GLU A 275 -23.62 4.09 7.74
CA GLU A 275 -24.82 3.34 8.07
C GLU A 275 -25.25 2.40 6.94
N ASP A 276 -25.27 2.92 5.71
CA ASP A 276 -25.73 2.13 4.59
C ASP A 276 -24.86 0.87 4.39
N GLN A 277 -23.57 0.98 4.67
CA GLN A 277 -22.66 -0.15 4.51
C GLN A 277 -22.72 -1.14 5.66
N LEU A 278 -22.83 -0.63 6.88
CA LEU A 278 -23.04 -1.49 8.03
C LEU A 278 -24.33 -2.29 7.81
N GLU A 279 -25.31 -1.65 7.19
CA GLU A 279 -26.64 -2.21 6.98
C GLU A 279 -26.54 -3.33 5.94
N VAL A 280 -25.61 -3.16 4.99
CA VAL A 280 -25.28 -4.22 4.04
C VAL A 280 -24.71 -5.45 4.77
N VAL A 281 -23.73 -5.24 5.64
CA VAL A 281 -23.15 -6.32 6.42
C VAL A 281 -24.24 -7.02 7.25
N ALA A 282 -25.09 -6.23 7.89
CA ALA A 282 -26.12 -6.77 8.78
C ALA A 282 -27.13 -7.66 8.04
N ALA A 283 -27.36 -7.32 6.78
CA ALA A 283 -28.26 -8.07 5.93
C ALA A 283 -27.61 -9.32 5.32
N SER A 284 -26.29 -9.41 5.40
CA SER A 284 -25.54 -10.45 4.67
C SER A 284 -25.77 -11.88 5.18
N GLU A 285 -25.62 -12.84 4.26
CA GLU A 285 -25.64 -14.25 4.59
C GLU A 285 -24.58 -14.60 5.62
N LYS A 286 -23.33 -14.27 5.34
CA LYS A 286 -22.22 -14.72 6.19
C LYS A 286 -22.31 -14.08 7.58
N ASP A 287 -22.39 -12.75 7.63
CA ASP A 287 -22.27 -12.01 8.89
C ASP A 287 -23.56 -11.58 9.60
N GLY A 288 -24.70 -11.66 8.92
CA GLY A 288 -25.94 -11.14 9.47
C GLY A 288 -26.27 -11.61 10.88
N PRO A 289 -26.30 -12.94 11.10
CA PRO A 289 -26.65 -13.47 12.42
C PRO A 289 -25.69 -13.08 13.55
N THR A 290 -24.38 -13.05 13.30
CA THR A 290 -23.43 -12.76 14.38
C THR A 290 -22.90 -11.32 14.51
N MET A 291 -23.28 -10.42 13.60
CA MET A 291 -22.79 -9.03 13.65
C MET A 291 -23.23 -8.31 14.91
N ILE A 292 -22.34 -7.47 15.42
CA ILE A 292 -22.63 -6.66 16.59
C ILE A 292 -23.86 -5.81 16.31
N GLY A 293 -24.70 -5.62 17.33
CA GLY A 293 -25.98 -4.95 17.16
C GLY A 293 -25.89 -3.49 16.76
N ASN A 294 -26.93 -3.00 16.07
CA ASN A 294 -26.88 -1.69 15.44
C ASN A 294 -26.80 -0.53 16.47
N SER A 295 -26.94 -0.82 17.77
CA SER A 295 -26.81 0.26 18.76
C SER A 295 -25.35 0.43 19.19
N SER A 296 -24.52 -0.53 18.83
CA SER A 296 -23.10 -0.39 19.11
C SER A 296 -22.32 0.12 17.90
N TRP A 297 -23.05 0.39 16.80
CA TRP A 297 -22.40 0.82 15.57
C TRP A 297 -21.75 2.19 15.69
N ILE A 298 -20.57 2.32 15.08
CA ILE A 298 -19.88 3.59 15.02
C ILE A 298 -19.86 4.04 13.58
N ASN A 299 -20.42 5.21 13.33
CA ASN A 299 -20.53 5.73 11.98
C ASN A 299 -19.33 6.61 11.61
N LEU A 300 -18.51 6.10 10.69
CA LEU A 300 -17.30 6.76 10.18
C LEU A 300 -17.26 6.65 8.66
N PRO A 301 -16.60 7.58 7.97
CA PRO A 301 -16.60 7.43 6.51
C PRO A 301 -15.65 6.34 6.00
N VAL A 302 -15.80 5.09 6.48
CA VAL A 302 -14.98 4.00 5.99
C VAL A 302 -15.32 3.76 4.51
N GLY A 303 -14.29 3.66 3.67
CA GLY A 303 -14.48 3.49 2.24
C GLY A 303 -14.65 4.79 1.48
N TYR A 304 -14.88 5.91 2.16
CA TYR A 304 -14.84 7.21 1.45
C TYR A 304 -13.40 7.65 1.20
N ASN A 305 -13.23 8.74 0.46
CA ASN A 305 -11.91 9.25 0.14
C ASN A 305 -11.04 8.24 -0.60
N LEU A 306 -11.66 7.37 -1.38
CA LEU A 306 -10.88 6.39 -2.12
C LEU A 306 -9.98 7.12 -3.09
N ASP A 307 -8.69 6.81 -3.06
CA ASP A 307 -7.77 7.47 -3.97
C ASP A 307 -6.74 6.48 -4.53
N ASP A 308 -6.19 6.85 -5.68
CA ASP A 308 -5.21 6.04 -6.38
C ASP A 308 -4.47 6.97 -7.34
N HIS A 309 -3.31 6.57 -7.84
CA HIS A 309 -2.74 7.35 -8.94
C HIS A 309 -3.60 7.09 -10.16
N LEU A 310 -3.92 8.14 -10.92
CA LEU A 310 -4.51 7.92 -12.22
C LEU A 310 -3.41 7.55 -13.18
N ASN A 311 -3.50 6.35 -13.74
CA ASN A 311 -2.53 5.91 -14.72
C ASN A 311 -2.99 6.20 -16.15
N THR A 312 -2.13 6.84 -16.94
CA THR A 312 -2.37 7.03 -18.37
C THR A 312 -1.15 6.54 -19.15
N ASP A 313 -1.32 5.49 -19.94
CA ASP A 313 -0.17 4.94 -20.66
C ASP A 313 0.16 5.76 -21.90
N THR A 314 1.44 5.73 -22.23
CA THR A 314 1.97 6.31 -23.44
C THR A 314 2.94 5.28 -24.03
N VAL A 315 3.02 5.17 -25.36
CA VAL A 315 4.00 4.29 -26.00
C VAL A 315 4.84 4.92 -27.09
N ILE A 316 6.14 4.67 -27.03
CA ILE A 316 7.04 5.04 -28.12
C ILE A 316 7.79 3.82 -28.63
N SER A 317 8.32 3.93 -29.84
CA SER A 317 9.15 2.89 -30.42
C SER A 317 10.44 3.50 -30.93
N HIS A 318 11.57 2.91 -30.57
CA HIS A 318 12.84 3.40 -31.07
C HIS A 318 13.72 2.21 -31.40
N PRO A 319 14.48 2.30 -32.51
CA PRO A 319 15.27 1.18 -33.05
C PRO A 319 16.36 0.67 -32.12
N ASP A 320 16.83 1.48 -31.17
CA ASP A 320 17.91 1.08 -30.26
C ASP A 320 17.39 0.35 -29.04
N VAL A 321 16.08 0.39 -28.86
CA VAL A 321 15.44 -0.23 -27.71
C VAL A 321 15.53 -1.76 -27.80
N VAL A 322 15.95 -2.38 -26.70
CA VAL A 322 16.07 -3.82 -26.70
C VAL A 322 15.15 -4.46 -25.67
N PHE A 323 14.17 -5.21 -26.16
CA PHE A 323 13.22 -5.88 -25.29
C PHE A 323 13.82 -7.11 -24.65
N TYR A 324 13.48 -7.34 -23.39
CA TYR A 324 13.79 -8.59 -22.72
C TYR A 324 12.50 -9.27 -22.28
N ASP A 325 12.35 -10.56 -22.58
CA ASP A 325 11.10 -11.25 -22.25
C ASP A 325 11.23 -11.89 -20.88
N PHE A 326 10.58 -11.23 -19.91
CA PHE A 326 10.66 -11.65 -18.53
C PHE A 326 9.67 -12.75 -18.26
N TYR A 327 8.69 -12.90 -19.13
CA TYR A 327 7.73 -13.98 -18.98
C TYR A 327 8.34 -15.30 -19.39
N GLU A 328 9.15 -15.30 -20.46
CA GLU A 328 9.78 -16.54 -20.87
C GLU A 328 10.84 -16.90 -19.84
N ALA A 329 11.21 -15.96 -18.97
CA ALA A 329 12.15 -16.22 -17.86
C ALA A 329 11.56 -17.07 -16.73
N TRP A 330 10.23 -17.17 -16.68
CA TRP A 330 9.59 -18.01 -15.66
C TRP A 330 9.93 -19.48 -15.89
N ASP A 331 9.65 -19.97 -17.11
CA ASP A 331 9.90 -21.37 -17.46
C ASP A 331 11.29 -21.59 -18.05
N ASP A 332 11.57 -20.93 -19.16
CA ASP A 332 12.81 -21.15 -19.89
C ASP A 332 13.72 -19.92 -19.93
N PRO A 333 14.35 -19.57 -18.79
CA PRO A 333 15.21 -18.39 -18.76
C PRO A 333 16.45 -18.54 -19.63
N ILE A 334 16.84 -17.47 -20.30
CA ILE A 334 18.08 -17.44 -21.05
C ILE A 334 19.18 -17.93 -20.12
N GLU A 335 19.93 -18.95 -20.54
CA GLU A 335 20.74 -19.72 -19.59
C GLU A 335 21.87 -18.91 -18.92
N SER A 336 22.55 -18.05 -19.67
CA SER A 336 23.62 -17.24 -19.07
C SER A 336 23.10 -16.29 -18.00
N ASP A 337 21.90 -15.74 -18.23
CA ASP A 337 21.21 -14.90 -17.25
C ASP A 337 20.80 -15.72 -16.03
N LYS A 338 20.23 -16.91 -16.28
CA LYS A 338 19.96 -17.86 -15.20
C LYS A 338 21.22 -18.08 -14.39
N ASN A 339 22.34 -18.24 -15.09
CA ASN A 339 23.60 -18.55 -14.45
C ASN A 339 24.18 -17.40 -13.63
N SER A 340 24.27 -16.22 -14.23
CA SER A 340 24.82 -15.08 -13.50
C SER A 340 23.92 -14.73 -12.31
N TYR A 341 22.60 -14.97 -12.41
CA TYR A 341 21.74 -14.67 -11.26
C TYR A 341 21.90 -15.68 -10.13
N LEU A 342 21.92 -16.98 -10.47
CA LEU A 342 22.02 -18.03 -9.46
C LEU A 342 23.39 -18.07 -8.77
N GLU A 343 24.46 -17.89 -9.55
CA GLU A 343 25.80 -17.92 -8.96
C GLU A 343 26.22 -16.59 -8.35
N SER A 344 26.10 -15.52 -9.12
CA SER A 344 26.53 -14.18 -8.70
C SER A 344 25.45 -13.17 -8.24
N ARG A 345 24.17 -13.53 -8.30
CA ARG A 345 23.08 -12.55 -8.14
C ARG A 345 23.33 -11.28 -8.99
N THR A 346 23.66 -11.47 -10.27
CA THR A 346 23.85 -10.34 -11.19
C THR A 346 23.09 -10.58 -12.50
N GLY A 347 22.99 -9.53 -13.30
CA GLY A 347 22.38 -9.65 -14.60
C GLY A 347 20.98 -9.09 -14.61
N ILE A 348 20.37 -9.13 -15.79
CA ILE A 348 19.05 -8.57 -16.02
C ILE A 348 17.96 -9.11 -15.07
N LEU A 349 18.16 -10.31 -14.51
CA LEU A 349 17.16 -10.93 -13.62
C LEU A 349 17.20 -10.34 -12.21
N ALA A 350 18.28 -9.64 -11.90
CA ALA A 350 18.34 -8.92 -10.64
C ALA A 350 17.60 -7.59 -10.79
N GLN A 351 17.17 -7.27 -12.02
CA GLN A 351 16.32 -6.08 -12.22
C GLN A 351 14.86 -6.48 -12.35
N ALA A 352 13.95 -5.63 -11.84
CA ALA A 352 12.52 -5.91 -11.88
C ALA A 352 12.00 -5.97 -13.32
N ALA A 353 10.96 -6.78 -13.54
CA ALA A 353 10.31 -6.87 -14.85
C ALA A 353 9.28 -5.74 -15.03
N PRO A 354 9.04 -5.31 -16.29
CA PRO A 354 9.91 -5.52 -17.45
C PRO A 354 11.05 -4.56 -17.22
N ASN A 355 11.92 -4.26 -18.17
CA ASN A 355 13.10 -3.54 -17.72
C ASN A 355 12.74 -2.09 -17.35
N ILE A 356 12.83 -1.70 -16.07
CA ILE A 356 12.14 -0.46 -15.69
C ILE A 356 13.06 0.75 -15.80
N GLY A 357 12.78 1.54 -16.83
CA GLY A 357 13.74 2.38 -17.52
C GLY A 357 13.82 3.66 -16.77
N PRO A 358 14.01 4.78 -17.47
CA PRO A 358 14.06 6.09 -16.77
C PRO A 358 12.81 6.37 -15.94
N MET A 359 13.04 6.85 -14.74
CA MET A 359 11.96 7.35 -13.89
C MET A 359 11.95 8.87 -13.96
N PHE A 360 10.83 9.51 -14.26
CA PHE A 360 10.87 10.99 -14.25
C PHE A 360 9.60 11.71 -13.75
N TRP A 361 9.75 13.00 -13.44
CA TRP A 361 8.71 13.76 -12.72
C TRP A 361 8.56 15.22 -13.13
N GLU A 362 7.34 15.74 -13.12
CA GLU A 362 7.16 17.18 -13.17
C GLU A 362 5.90 17.63 -12.43
N GLU A 363 5.92 18.88 -11.99
CA GLU A 363 4.82 19.48 -11.26
C GLU A 363 4.21 20.56 -12.14
N ILE A 364 2.89 20.52 -12.30
CA ILE A 364 2.22 21.48 -13.16
C ILE A 364 1.19 22.31 -12.43
N VAL A 365 1.37 23.64 -12.44
CA VAL A 365 0.38 24.54 -11.87
C VAL A 365 -0.86 24.53 -12.74
N GLY A 366 -2.00 24.19 -12.16
CA GLY A 366 -3.25 24.24 -12.90
C GLY A 366 -3.91 25.62 -12.91
N ALA A 367 -5.01 25.73 -13.66
CA ALA A 367 -5.82 26.95 -13.68
C ALA A 367 -6.37 27.35 -12.31
N ASP A 368 -6.55 26.38 -11.41
CA ASP A 368 -7.06 26.67 -10.07
C ASP A 368 -5.91 27.00 -9.12
N GLY A 369 -4.70 27.12 -9.67
CA GLY A 369 -3.54 27.48 -8.87
C GLY A 369 -3.04 26.32 -8.03
N ILE A 370 -3.61 25.15 -8.30
CA ILE A 370 -3.23 23.95 -7.56
C ILE A 370 -2.09 23.27 -8.29
N VAL A 371 -1.00 23.04 -7.58
CA VAL A 371 0.11 22.31 -8.19
C VAL A 371 -0.19 20.82 -8.24
N ARG A 372 -0.16 20.22 -9.43
CA ARG A 372 -0.41 18.79 -9.55
C ARG A 372 0.86 18.02 -9.92
N GLN A 373 1.06 16.88 -9.26
CA GLN A 373 2.30 16.12 -9.40
C GLN A 373 2.19 14.96 -10.38
N LEU A 374 3.11 14.92 -11.34
CA LEU A 374 3.17 13.85 -12.31
C LEU A 374 4.38 13.01 -12.04
N GLN A 375 4.19 11.69 -12.09
CA GLN A 375 5.31 10.76 -12.18
C GLN A 375 5.13 9.91 -13.44
N TRP A 376 6.23 9.77 -14.20
CA TRP A 376 6.34 8.85 -15.32
C TRP A 376 7.22 7.65 -14.98
N THR A 377 6.74 6.46 -15.31
CA THR A 377 7.55 5.25 -15.23
C THR A 377 7.76 4.73 -16.65
N ALA A 378 9.00 4.78 -17.14
CA ALA A 378 9.28 4.13 -18.43
C ALA A 378 9.74 2.69 -18.20
N ARG A 379 9.20 1.77 -19.01
CA ARG A 379 9.58 0.37 -18.94
C ARG A 379 9.63 -0.19 -20.36
N VAL A 380 10.42 -1.24 -20.59
CA VAL A 380 10.54 -1.77 -21.94
C VAL A 380 9.54 -2.89 -22.14
N GLU A 381 8.47 -2.54 -22.85
CA GLU A 381 7.32 -3.42 -22.98
C GLU A 381 6.28 -2.71 -23.82
N GLY A 382 5.40 -3.44 -24.49
CA GLY A 382 4.30 -2.80 -25.19
C GLY A 382 3.22 -2.57 -24.16
N SER A 383 2.28 -1.66 -24.40
CA SER A 383 1.22 -1.49 -23.41
C SER A 383 -0.17 -1.53 -24.03
N LEU A 384 -0.42 -0.66 -24.98
CA LEU A 384 -1.78 -0.47 -25.48
C LEU A 384 -2.09 -1.42 -26.64
N GLY A 385 -1.25 -2.44 -26.80
CA GLY A 385 -1.41 -3.40 -27.88
C GLY A 385 -0.31 -3.18 -28.89
N ALA A 386 0.57 -2.23 -28.57
CA ALA A 386 1.80 -2.09 -29.30
C ALA A 386 2.60 -3.36 -29.10
N PRO A 387 3.31 -3.83 -30.16
CA PRO A 387 4.16 -5.02 -30.10
C PRO A 387 5.32 -4.86 -29.14
N ASN A 388 5.86 -5.97 -28.64
CA ASN A 388 6.81 -5.91 -27.56
C ASN A 388 8.25 -5.48 -27.92
N GLY A 389 8.68 -5.74 -29.15
CA GLY A 389 10.10 -5.62 -29.46
C GLY A 389 10.92 -4.34 -29.30
N HIS A 390 10.56 -3.27 -29.99
CA HIS A 390 11.30 -2.01 -29.86
C HIS A 390 10.59 -0.93 -29.05
N THR A 391 9.43 -1.29 -28.52
CA THR A 391 8.62 -0.31 -27.82
C THR A 391 9.10 -0.10 -26.39
N MET A 392 8.77 1.08 -25.87
CA MET A 392 8.86 1.36 -24.46
C MET A 392 7.53 1.99 -24.00
N THR A 393 7.05 1.57 -22.84
CA THR A 393 5.85 2.15 -22.27
C THR A 393 6.25 3.27 -21.31
N MET A 394 5.56 4.40 -21.41
CA MET A 394 5.79 5.49 -20.47
C MET A 394 4.48 5.81 -19.75
N SER A 395 4.42 5.45 -18.47
CA SER A 395 3.18 5.49 -17.72
C SER A 395 3.15 6.70 -16.84
N GLN A 396 2.23 7.62 -17.15
CA GLN A 396 2.01 8.82 -16.37
C GLN A 396 1.11 8.54 -15.17
N TYR A 397 1.62 8.84 -13.97
CA TYR A 397 0.80 8.79 -12.75
C TYR A 397 0.42 10.21 -12.37
N LEU A 398 -0.88 10.45 -12.18
CA LEU A 398 -1.32 11.70 -11.59
C LEU A 398 -1.48 11.53 -10.09
N GLY A 399 -0.62 12.23 -9.36
CA GLY A 399 -0.49 12.19 -7.90
C GLY A 399 -1.01 13.34 -7.07
N ARG A 400 -0.22 13.65 -6.04
CA ARG A 400 -0.55 14.70 -5.08
C ARG A 400 -0.99 16.00 -5.74
N GLY A 401 -2.08 16.54 -5.23
CA GLY A 401 -2.67 17.76 -5.75
C GLY A 401 -3.91 17.48 -6.57
N ALA A 402 -4.03 16.27 -7.09
CA ALA A 402 -5.26 15.87 -7.75
C ALA A 402 -6.38 15.92 -6.73
N THR A 403 -7.52 16.49 -7.12
CA THR A 403 -8.64 16.65 -6.18
C THR A 403 -9.71 15.57 -6.24
N SER A 404 -9.75 14.78 -7.32
CA SER A 404 -10.82 13.80 -7.51
C SER A 404 -10.71 12.65 -6.49
N ARG A 405 -11.85 12.10 -6.11
CA ARG A 405 -11.93 11.02 -5.13
C ARG A 405 -13.10 10.12 -5.46
N GLY A 406 -12.95 8.84 -5.13
CA GLY A 406 -14.01 7.87 -5.25
C GLY A 406 -14.53 7.33 -3.93
N ARG A 407 -15.14 6.16 -4.02
CA ARG A 407 -15.65 5.47 -2.85
C ARG A 407 -15.55 3.97 -2.99
N MET A 408 -15.21 3.32 -1.88
CA MET A 408 -15.29 1.86 -1.79
C MET A 408 -16.54 1.49 -0.99
N THR A 409 -17.17 0.39 -1.39
CA THR A 409 -18.32 -0.15 -0.68
C THR A 409 -18.21 -1.68 -0.57
N ILE A 410 -19.10 -2.30 0.19
CA ILE A 410 -19.02 -3.73 0.38
C ILE A 410 -20.21 -4.45 -0.23
N THR A 411 -19.98 -5.63 -0.80
CA THR A 411 -21.07 -6.41 -1.39
C THR A 411 -21.77 -7.24 -0.35
N PRO A 412 -22.98 -7.74 -0.66
CA PRO A 412 -23.63 -8.74 0.20
C PRO A 412 -22.78 -9.99 0.42
N SER A 413 -21.87 -10.26 -0.52
CA SER A 413 -20.87 -11.32 -0.36
C SER A 413 -19.73 -10.96 0.60
N LEU A 414 -19.72 -9.70 1.05
CA LEU A 414 -18.65 -9.14 1.89
C LEU A 414 -17.33 -9.01 1.13
N THR A 415 -17.43 -8.75 -0.17
CA THR A 415 -16.25 -8.45 -0.96
C THR A 415 -16.27 -6.96 -1.31
N THR A 416 -15.10 -6.36 -1.45
CA THR A 416 -15.08 -4.92 -1.69
C THR A 416 -15.05 -4.58 -3.17
N ILE A 417 -15.75 -3.51 -3.52
CA ILE A 417 -15.77 -2.99 -4.88
C ILE A 417 -15.41 -1.51 -4.95
N VAL A 418 -14.84 -1.10 -6.07
CA VAL A 418 -14.69 0.33 -6.30
C VAL A 418 -15.96 0.73 -7.01
N SER A 419 -16.90 1.26 -6.23
CA SER A 419 -18.25 1.52 -6.71
C SER A 419 -18.41 2.96 -7.16
N ASP A 420 -17.45 3.81 -6.80
CA ASP A 420 -17.40 5.16 -7.32
C ASP A 420 -15.97 5.33 -7.80
N VAL A 421 -15.77 5.37 -9.13
CA VAL A 421 -14.43 5.43 -9.67
C VAL A 421 -13.87 6.81 -9.32
N PRO A 422 -12.66 6.83 -8.76
CA PRO A 422 -12.06 8.07 -8.26
C PRO A 422 -11.64 9.07 -9.33
N TYR A 423 -11.11 8.59 -10.45
CA TYR A 423 -10.32 9.43 -11.34
C TYR A 423 -11.10 10.48 -12.11
N LEU A 424 -10.42 11.60 -12.34
CA LEU A 424 -10.83 12.64 -13.27
C LEU A 424 -12.25 13.15 -13.05
N LYS A 425 -12.64 13.39 -11.79
CA LYS A 425 -13.97 13.96 -11.51
C LYS A 425 -13.94 15.47 -11.77
N ASP A 426 -12.76 16.04 -11.56
CA ASP A 426 -12.53 17.49 -11.64
C ASP A 426 -11.70 17.83 -12.86
N PRO A 427 -12.19 18.78 -13.68
CA PRO A 427 -11.60 19.06 -15.00
C PRO A 427 -10.13 19.44 -14.95
N ASN A 428 -9.71 20.09 -13.87
CA ASN A 428 -8.33 20.52 -13.78
C ASN A 428 -7.36 19.35 -13.56
N ASP A 429 -7.87 18.23 -13.04
CA ASP A 429 -7.08 17.02 -13.01
C ASP A 429 -6.77 16.58 -14.43
N LYS A 430 -7.79 16.49 -15.27
CA LYS A 430 -7.60 16.11 -16.68
C LYS A 430 -6.61 17.03 -17.41
N GLU A 431 -6.71 18.33 -17.20
CA GLU A 431 -5.82 19.28 -17.85
C GLU A 431 -4.37 18.96 -17.55
N ALA A 432 -4.09 18.52 -16.33
CA ALA A 432 -2.71 18.23 -15.94
C ALA A 432 -2.19 17.02 -16.71
N VAL A 433 -3.06 16.04 -16.91
CA VAL A 433 -2.73 14.83 -17.63
C VAL A 433 -2.34 15.12 -19.07
N ILE A 434 -3.20 15.89 -19.73
CA ILE A 434 -2.98 16.33 -21.10
C ILE A 434 -1.70 17.14 -21.22
N GLN A 435 -1.55 18.14 -20.37
CA GLN A 435 -0.38 19.02 -20.38
C GLN A 435 0.92 18.25 -20.16
N GLY A 436 0.86 17.19 -19.37
CA GLY A 436 2.01 16.35 -19.12
C GLY A 436 2.46 15.59 -20.36
N ILE A 437 1.51 15.06 -21.12
CA ILE A 437 1.83 14.37 -22.36
C ILE A 437 2.44 15.33 -23.35
N ILE A 438 1.80 16.50 -23.51
CA ILE A 438 2.34 17.56 -24.35
C ILE A 438 3.77 17.92 -23.93
N ASN A 439 3.97 18.11 -22.63
CA ASN A 439 5.26 18.47 -22.10
C ASN A 439 6.32 17.43 -22.40
N LEU A 440 5.93 16.15 -22.32
CA LEU A 440 6.85 15.05 -22.58
C LEU A 440 7.23 15.02 -24.05
N GLN A 441 6.22 15.22 -24.90
CA GLN A 441 6.45 15.22 -26.34
C GLN A 441 7.45 16.29 -26.73
N ASN A 442 7.33 17.47 -26.12
CA ASN A 442 8.31 18.54 -26.28
C ASN A 442 9.73 18.14 -25.90
N ALA A 443 9.85 17.42 -24.79
CA ALA A 443 11.17 16.98 -24.34
C ALA A 443 11.82 15.97 -25.30
N LEU A 444 11.00 15.09 -25.84
CA LEU A 444 11.49 14.00 -26.67
C LEU A 444 11.42 14.29 -28.16
N GLN A 445 11.05 15.51 -28.52
CA GLN A 445 10.82 15.84 -29.92
C GLN A 445 12.12 15.80 -30.71
N ASN A 446 13.22 16.19 -30.09
CA ASN A 446 14.48 15.90 -30.74
C ASN A 446 15.08 14.69 -30.05
N VAL A 447 14.73 13.57 -30.66
CA VAL A 447 15.32 12.27 -30.48
C VAL A 447 15.13 11.71 -31.88
N ALA A 448 16.19 11.20 -32.50
CA ALA A 448 16.06 10.72 -33.87
C ALA A 448 15.42 9.35 -33.87
N ASN A 449 14.64 9.06 -34.90
CA ASN A 449 14.11 7.72 -35.12
C ASN A 449 13.08 7.29 -34.05
N LEU A 450 12.85 8.17 -33.08
CA LEU A 450 11.79 7.98 -32.08
C LEU A 450 10.41 8.12 -32.69
N THR A 451 9.57 7.13 -32.47
CA THR A 451 8.21 7.14 -33.00
C THR A 451 7.18 7.18 -31.88
N TRP A 452 6.15 8.01 -32.02
CA TRP A 452 5.03 7.96 -31.09
C TRP A 452 3.93 7.03 -31.61
N LEU A 453 3.79 5.89 -30.95
CA LEU A 453 2.72 4.96 -31.26
C LEU A 453 1.41 5.35 -30.55
N PHE A 454 1.53 5.72 -29.27
CA PHE A 454 0.42 6.04 -28.38
C PHE A 454 0.62 7.27 -27.49
N PRO A 455 0.14 8.45 -27.93
CA PRO A 455 -0.68 8.70 -29.11
C PRO A 455 0.12 8.74 -30.40
N ASN A 456 -0.44 8.26 -31.51
CA ASN A 456 0.26 8.35 -32.79
C ASN A 456 0.20 9.81 -33.23
N SER A 457 1.05 10.20 -34.17
CA SER A 457 1.18 11.60 -34.58
C SER A 457 -0.10 12.29 -35.05
N THR A 458 -1.12 11.50 -35.41
CA THR A 458 -2.36 12.06 -35.96
C THR A 458 -3.43 12.36 -34.88
N ILE A 459 -3.12 12.03 -33.63
CA ILE A 459 -4.04 12.23 -32.50
C ILE A 459 -3.45 13.22 -31.51
N THR A 460 -4.16 14.31 -31.24
CA THR A 460 -3.69 15.29 -30.25
C THR A 460 -3.70 14.66 -28.85
N PRO A 461 -2.78 15.10 -27.98
CA PRO A 461 -2.78 14.64 -26.58
C PRO A 461 -4.15 14.76 -25.92
N ARG A 462 -4.83 15.88 -26.11
CA ARG A 462 -6.20 16.03 -25.60
C ARG A 462 -7.15 14.98 -26.14
N GLU A 463 -7.18 14.81 -27.45
CA GLU A 463 -8.01 13.79 -28.10
C GLU A 463 -7.69 12.39 -27.61
N TYR A 464 -6.41 12.14 -27.47
CA TYR A 464 -5.89 10.86 -26.99
C TYR A 464 -6.45 10.55 -25.61
N VAL A 465 -6.38 11.52 -24.71
CA VAL A 465 -6.88 11.35 -23.36
C VAL A 465 -8.41 11.24 -23.38
N GLU A 466 -9.05 12.12 -24.15
CA GLU A 466 -10.50 12.21 -24.20
C GLU A 466 -11.11 10.90 -24.67
N SER A 467 -10.35 10.21 -25.52
CA SER A 467 -10.79 8.94 -26.08
C SER A 467 -10.82 7.84 -25.02
N MET A 468 -9.84 7.85 -24.12
CA MET A 468 -9.65 6.77 -23.15
C MET A 468 -10.83 6.60 -22.22
N VAL A 469 -11.15 5.34 -21.93
CA VAL A 469 -12.14 4.96 -20.92
C VAL A 469 -11.59 5.22 -19.51
N VAL A 470 -12.39 5.81 -18.62
CA VAL A 470 -11.91 6.06 -17.26
C VAL A 470 -12.48 5.01 -16.29
N SER A 471 -11.66 4.00 -16.01
CA SER A 471 -12.08 2.85 -15.23
C SER A 471 -10.88 2.28 -14.50
N PRO A 472 -11.11 1.65 -13.33
CA PRO A 472 -9.96 1.02 -12.66
C PRO A 472 -9.33 -0.09 -13.50
N SER A 473 -10.13 -0.82 -14.28
CA SER A 473 -9.57 -1.89 -15.11
C SER A 473 -8.40 -1.42 -15.99
N ASN A 474 -8.60 -0.36 -16.76
CA ASN A 474 -7.48 0.17 -17.58
C ASN A 474 -6.72 1.39 -17.04
N ARG A 475 -7.28 2.09 -16.05
CA ARG A 475 -6.59 3.27 -15.52
C ARG A 475 -5.98 3.19 -14.11
N ARG A 476 -6.18 2.09 -13.42
CA ARG A 476 -5.67 2.01 -12.06
C ARG A 476 -4.13 1.91 -12.00
N SER A 477 -3.55 2.45 -10.92
CA SER A 477 -2.15 2.24 -10.60
C SER A 477 -1.86 1.22 -9.48
N ASN A 478 -2.91 0.60 -8.93
CA ASN A 478 -2.76 -0.38 -7.84
C ASN A 478 -2.17 0.24 -6.57
N HIS A 479 -2.30 1.55 -6.48
CA HIS A 479 -1.89 2.39 -5.36
C HIS A 479 -3.02 2.86 -4.45
N TRP A 480 -4.09 2.09 -4.38
CA TRP A 480 -5.27 2.44 -3.58
C TRP A 480 -5.01 2.91 -2.13
N MET A 481 -5.55 4.08 -1.80
CA MET A 481 -5.38 4.69 -0.49
C MET A 481 -6.64 5.39 -0.03
N GLY A 482 -6.66 5.73 1.25
CA GLY A 482 -7.62 6.68 1.76
C GLY A 482 -8.93 6.25 2.36
N THR A 483 -9.25 4.96 2.35
CA THR A 483 -10.55 4.53 2.83
C THR A 483 -10.72 4.66 4.33
N ASN A 484 -9.62 4.61 5.08
CA ASN A 484 -9.76 5.03 6.46
C ASN A 484 -8.94 6.26 6.72
N LYS A 485 -9.55 7.41 6.46
CA LYS A 485 -8.73 8.60 6.35
C LYS A 485 -8.36 9.12 7.75
N LEU A 486 -7.09 9.50 7.88
CA LEU A 486 -6.57 10.08 9.11
C LEU A 486 -6.83 11.60 9.13
N GLY A 487 -7.29 12.10 10.27
CA GLY A 487 -7.61 13.51 10.34
C GLY A 487 -8.11 13.90 11.71
N THR A 488 -8.24 15.21 11.91
CA THR A 488 -8.70 15.78 13.18
C THR A 488 -10.23 15.91 13.20
N ASP A 489 -10.88 15.76 12.04
CA ASP A 489 -12.33 15.93 12.00
C ASP A 489 -13.04 14.60 12.24
N ASP A 490 -13.52 14.44 13.47
CA ASP A 490 -14.12 13.19 13.94
C ASP A 490 -15.26 12.80 12.99
N GLY A 491 -15.22 11.58 12.46
CA GLY A 491 -16.19 11.14 11.45
C GLY A 491 -17.58 10.96 12.07
N ARG A 492 -17.62 10.75 13.37
CA ARG A 492 -18.89 10.55 14.04
C ARG A 492 -19.74 11.81 13.93
N LYS A 493 -19.08 12.96 13.79
CA LYS A 493 -19.80 14.24 13.71
C LYS A 493 -20.01 14.70 12.26
N GLY A 494 -19.67 13.85 11.30
CA GLY A 494 -19.83 14.17 9.88
C GLY A 494 -18.52 14.47 9.17
N GLY A 495 -17.43 14.45 9.94
CA GLY A 495 -16.10 14.62 9.39
C GLY A 495 -15.63 13.49 8.48
N SER A 496 -14.48 13.73 7.86
CA SER A 496 -13.93 12.86 6.85
C SER A 496 -12.92 11.87 7.43
N ALA A 497 -12.66 11.99 8.73
CA ALA A 497 -11.60 11.21 9.34
C ALA A 497 -12.11 9.94 10.02
N VAL A 498 -11.55 8.81 9.63
CA VAL A 498 -11.81 7.55 10.30
C VAL A 498 -10.90 7.36 11.53
N VAL A 499 -9.64 7.73 11.39
CA VAL A 499 -8.69 7.61 12.50
C VAL A 499 -8.07 8.99 12.84
N ASP A 500 -7.58 9.12 14.08
CA ASP A 500 -7.04 10.38 14.54
C ASP A 500 -5.52 10.41 14.32
N LEU A 501 -4.84 11.37 14.93
CA LEU A 501 -3.42 11.57 14.66
C LEU A 501 -2.59 10.40 15.17
N ASP A 502 -3.12 9.62 16.11
CA ASP A 502 -2.41 8.45 16.63
C ASP A 502 -2.79 7.17 15.88
N THR A 503 -3.58 7.37 14.81
CA THR A 503 -4.19 6.33 13.98
C THR A 503 -5.26 5.51 14.73
N ARG A 504 -5.80 6.09 15.79
CA ARG A 504 -6.86 5.46 16.54
C ARG A 504 -8.22 5.71 15.89
N VAL A 505 -8.98 4.65 15.76
CA VAL A 505 -10.31 4.72 15.22
C VAL A 505 -11.17 5.53 16.19
N TYR A 506 -11.82 6.58 15.68
CA TYR A 506 -12.74 7.36 16.46
C TYR A 506 -13.81 6.44 17.04
N GLY A 507 -14.21 6.70 18.28
CA GLY A 507 -15.16 5.83 18.94
C GLY A 507 -14.53 4.63 19.64
N THR A 508 -13.21 4.47 19.55
CA THR A 508 -12.53 3.39 20.27
C THR A 508 -11.36 3.88 21.14
N ASP A 509 -11.07 3.15 22.22
CA ASP A 509 -9.85 3.42 23.00
C ASP A 509 -8.59 2.70 22.54
N ASN A 510 -8.75 1.45 22.10
CA ASN A 510 -7.64 0.61 21.64
C ASN A 510 -7.54 0.16 20.16
N LEU A 511 -8.33 0.69 19.23
CA LEU A 511 -8.21 0.22 17.84
C LEU A 511 -7.54 1.22 16.89
N PHE A 512 -6.56 0.73 16.12
CA PHE A 512 -5.75 1.60 15.27
C PHE A 512 -5.66 1.05 13.86
N VAL A 513 -5.34 1.92 12.90
CA VAL A 513 -5.13 1.50 11.53
C VAL A 513 -3.78 1.98 10.98
N ILE A 514 -2.87 1.04 10.70
CA ILE A 514 -1.62 1.42 10.02
C ILE A 514 -1.41 0.68 8.68
N ASP A 515 -1.71 1.37 7.59
CA ASP A 515 -1.54 0.88 6.21
C ASP A 515 -1.92 2.00 5.24
N ALA A 516 -1.99 1.68 3.94
CA ALA A 516 -2.38 2.66 2.90
C ALA A 516 -3.72 3.37 3.14
N SER A 517 -4.60 2.74 3.90
CA SER A 517 -5.96 3.26 4.02
C SER A 517 -6.08 4.61 4.73
N ILE A 518 -5.05 5.01 5.47
CA ILE A 518 -5.15 6.25 6.25
C ILE A 518 -4.67 7.49 5.50
N PHE A 519 -4.08 7.31 4.32
CA PHE A 519 -3.53 8.44 3.59
C PHE A 519 -4.67 9.31 3.05
N PRO A 520 -4.64 10.63 3.32
CA PRO A 520 -5.69 11.49 2.73
C PRO A 520 -5.63 11.53 1.19
N GLY A 521 -4.49 11.17 0.61
CA GLY A 521 -4.39 11.05 -0.83
C GLY A 521 -3.09 10.37 -1.18
N VAL A 522 -2.84 10.14 -2.47
CA VAL A 522 -1.63 9.46 -2.90
C VAL A 522 -0.47 10.45 -3.01
N PRO A 523 0.75 9.98 -2.72
CA PRO A 523 1.93 10.85 -2.83
C PRO A 523 2.38 11.02 -4.27
N THR A 524 3.52 11.69 -4.42
CA THR A 524 4.20 11.87 -5.70
C THR A 524 4.49 10.53 -6.40
N THR A 525 4.80 9.54 -5.58
CA THR A 525 5.60 8.38 -5.92
C THR A 525 4.90 7.04 -5.61
N ASN A 526 5.44 5.92 -6.11
CA ASN A 526 4.98 4.60 -5.65
C ASN A 526 5.02 4.55 -4.12
N PRO A 527 3.86 4.27 -3.49
CA PRO A 527 3.52 4.49 -2.07
C PRO A 527 4.14 3.58 -1.00
N THR A 528 4.75 2.43 -1.35
CA THR A 528 5.22 1.48 -0.32
C THR A 528 6.15 2.10 0.72
N SER A 529 7.19 2.79 0.23
CA SER A 529 8.11 3.52 1.09
C SER A 529 7.36 4.49 2.02
N TYR A 530 6.43 5.27 1.48
CA TYR A 530 5.57 6.12 2.30
C TYR A 530 4.79 5.33 3.37
N ILE A 531 4.25 4.18 3.00
CA ILE A 531 3.46 3.37 3.94
C ILE A 531 4.35 2.83 5.07
N VAL A 532 5.58 2.46 4.72
CA VAL A 532 6.53 1.99 5.73
C VAL A 532 6.87 3.15 6.67
N VAL A 533 7.20 4.30 6.11
CA VAL A 533 7.42 5.51 6.89
C VAL A 533 6.24 5.80 7.83
N ALA A 534 5.02 5.71 7.32
CA ALA A 534 3.84 5.93 8.16
C ALA A 534 3.77 4.92 9.29
N ALA A 535 4.16 3.68 9.01
CA ALA A 535 4.23 2.72 10.09
C ALA A 535 5.32 3.07 11.11
N GLU A 536 6.52 3.42 10.64
CA GLU A 536 7.56 3.88 11.55
C GLU A 536 6.99 4.98 12.48
N HIS A 537 6.35 5.97 11.86
CA HIS A 537 5.81 7.11 12.57
C HIS A 537 4.61 6.76 13.46
N ALA A 538 3.67 5.99 12.94
CA ALA A 538 2.48 5.71 13.74
C ALA A 538 2.82 4.84 14.94
N SER A 539 3.77 3.92 14.75
CA SER A 539 4.08 3.00 15.85
C SER A 539 4.77 3.76 16.98
N SER A 540 5.54 4.77 16.65
CA SER A 540 6.11 5.60 17.66
C SER A 540 5.10 6.49 18.38
N ARG A 541 4.11 7.00 17.70
CA ARG A 541 3.06 7.70 18.37
C ARG A 541 2.28 6.82 19.33
N ILE A 542 2.01 5.60 18.92
CA ILE A 542 1.34 4.64 19.75
C ILE A 542 2.16 4.22 20.95
N LEU A 543 3.43 4.00 20.74
CA LEU A 543 4.33 3.60 21.81
C LEU A 543 4.49 4.65 22.91
N ALA A 544 4.24 5.91 22.57
CA ALA A 544 4.40 7.02 23.50
C ALA A 544 3.09 7.39 24.21
N LEU A 545 2.00 6.75 23.84
CA LEU A 545 0.75 6.95 24.57
C LEU A 545 0.87 6.35 25.97
N PRO A 546 0.23 6.99 26.95
CA PRO A 546 0.21 6.37 28.27
C PRO A 546 -0.69 5.16 28.24
N ASP A 547 -0.47 4.19 29.12
CA ASP A 547 -1.36 3.03 29.17
C ASP A 547 -2.80 3.48 29.42
N LEU A 548 -3.73 2.75 28.84
CA LEU A 548 -5.13 3.07 28.96
C LEU A 548 -5.56 2.94 30.43
N GLU A 549 -6.43 3.84 30.85
CA GLU A 549 -6.90 3.91 32.22
C GLU A 549 -8.38 3.58 32.27
N PRO A 550 -8.74 2.49 32.95
CA PRO A 550 -10.16 2.14 33.06
C PRO A 550 -10.94 3.21 33.84
N VAL A 551 -12.23 3.31 33.50
CA VAL A 551 -13.14 4.24 34.13
C VAL A 551 -13.66 3.66 35.45
N PRO A 552 -13.74 4.50 36.49
CA PRO A 552 -14.36 4.02 37.73
C PRO A 552 -15.86 3.80 37.57
N LYS A 553 -16.39 2.92 38.42
CA LYS A 553 -17.81 2.65 38.46
C LYS A 553 -18.57 3.97 38.52
N TYR A 554 -19.65 4.02 37.76
CA TYR A 554 -20.54 5.18 37.59
C TYR A 554 -19.98 6.24 36.64
N GLY A 555 -18.71 6.14 36.27
CA GLY A 555 -18.15 7.09 35.32
C GLY A 555 -18.59 6.83 33.88
N GLN A 556 -18.60 7.85 33.03
CA GLN A 556 -18.98 7.65 31.64
C GLN A 556 -17.91 6.83 30.92
N CYS A 557 -18.31 5.71 30.34
CA CYS A 557 -17.44 4.88 29.51
C CYS A 557 -17.73 4.90 27.99
N GLY A 558 -18.63 5.77 27.54
CA GLY A 558 -18.98 5.75 26.12
C GLY A 558 -19.95 6.81 25.65
N GLY A 559 -20.19 6.86 24.35
CA GLY A 559 -21.18 7.74 23.75
C GLY A 559 -20.68 8.14 22.38
N ARG A 560 -21.49 8.86 21.61
CA ARG A 560 -21.07 9.09 20.24
C ARG A 560 -20.04 10.23 20.15
N GLU A 561 -19.97 11.06 21.18
CA GLU A 561 -18.92 12.07 21.22
C GLU A 561 -17.75 11.75 22.16
N TRP A 562 -17.79 10.57 22.79
CA TRP A 562 -16.78 10.19 23.79
C TRP A 562 -15.38 10.01 23.19
N THR A 563 -14.41 10.64 23.83
CA THR A 563 -12.99 10.65 23.46
C THR A 563 -12.11 9.74 24.33
N GLY A 564 -12.71 9.17 25.38
CA GLY A 564 -11.93 8.63 26.48
C GLY A 564 -11.60 7.14 26.46
N SER A 565 -11.58 6.57 27.65
CA SER A 565 -11.58 5.14 27.81
C SER A 565 -13.00 4.64 27.64
N PHE A 566 -13.11 3.54 26.91
CA PHE A 566 -14.38 2.86 26.74
C PHE A 566 -14.43 1.62 27.63
N VAL A 567 -13.39 1.40 28.42
CA VAL A 567 -13.30 0.20 29.26
C VAL A 567 -13.42 0.52 30.76
N CYS A 568 -14.10 -0.36 31.48
CA CYS A 568 -14.44 -0.11 32.87
C CYS A 568 -13.53 -0.82 33.89
N ALA A 569 -13.36 -0.20 35.05
CA ALA A 569 -12.58 -0.78 36.13
C ALA A 569 -13.17 -2.11 36.56
N ASP A 570 -12.35 -2.96 37.17
CA ASP A 570 -12.84 -4.27 37.66
C ASP A 570 -14.04 -4.08 38.56
N GLY A 571 -15.05 -4.92 38.37
CA GLY A 571 -16.23 -4.89 39.21
C GLY A 571 -17.31 -3.98 38.67
N SER A 572 -17.17 -3.56 37.42
CA SER A 572 -18.24 -2.87 36.70
C SER A 572 -18.08 -3.09 35.21
N THR A 573 -19.18 -2.93 34.47
CA THR A 573 -19.19 -3.14 33.02
C THR A 573 -19.67 -1.89 32.32
N CYS A 574 -19.18 -1.67 31.10
CA CYS A 574 -19.70 -0.57 30.31
C CYS A 574 -21.10 -0.90 29.88
N GLU A 575 -22.05 -0.03 30.19
CA GLU A 575 -23.41 -0.27 29.75
C GLU A 575 -23.99 0.90 28.97
N TYR A 576 -24.44 0.58 27.77
CA TYR A 576 -25.08 1.51 26.87
C TYR A 576 -26.34 2.07 27.52
N GLN A 577 -26.52 3.38 27.42
CA GLN A 577 -27.73 4.02 27.93
C GLN A 577 -28.50 4.55 26.73
N ASN A 578 -27.82 5.41 25.99
CA ASN A 578 -28.36 5.99 24.77
C ASN A 578 -27.19 6.22 23.81
N GLU A 579 -27.42 6.95 22.73
CA GLU A 579 -26.34 7.11 21.77
C GLU A 579 -25.29 8.11 22.31
N TRP A 580 -25.66 8.97 23.26
CA TRP A 580 -24.69 9.89 23.82
C TRP A 580 -24.05 9.43 25.13
N TYR A 581 -24.50 8.33 25.69
CA TYR A 581 -24.00 7.94 27.01
C TYR A 581 -23.90 6.43 27.25
N SER A 582 -22.74 5.99 27.72
CA SER A 582 -22.61 4.67 28.34
C SER A 582 -21.95 4.87 29.68
N GLN A 583 -22.36 4.09 30.68
CA GLN A 583 -21.90 4.27 32.05
C GLN A 583 -21.34 2.96 32.61
N CYS A 584 -20.33 3.07 33.48
CA CYS A 584 -19.79 1.89 34.15
C CYS A 584 -20.71 1.53 35.28
N LEU A 585 -21.24 0.32 35.26
CA LEU A 585 -22.26 -0.10 36.23
C LEU A 585 -22.09 -1.56 36.70
#